data_8PI7
#
_entry.id   8PI7
#
_cell.length_a   49.456
_cell.length_b   52.506
_cell.length_c   210.278
_cell.angle_alpha   90.000
_cell.angle_beta   90.000
_cell.angle_gamma   90.000
#
_symmetry.space_group_name_H-M   'P 21 21 21'
#
loop_
_entity.id
_entity.type
_entity.pdbx_description
1 polymer 'Chains: E'
2 polymer 'Chains: F'
3 polymer 'Hepatocyte nuclear factor 1-alpha'
4 non-polymer 'CHLORIDE ION'
#
loop_
_entity_poly.entity_id
_entity_poly.type
_entity_poly.pdbx_seq_one_letter_code
_entity_poly.pdbx_strand_id
1 'polydeoxyribonucleotide'
;(DA)(DC)(DT)(DG)(DG)(DT)(DT)(DA)(DC)(DT)(DC)(DT)(DT)(DT)(DA)(DA)(DT)(DG)(DT)(DA)
(DT)
;
E
2 'polydeoxyribonucleotide'
;(DA)(DT)(DA)(DC)(DA)(DT)(DT)(DA)(DA)(DA)(DG)(DA)(DG)(DT)(DA)(DA)(DC)(DC)(DA)(DG)
(DT)
;
F
3 'polypeptide(L)'
;GPPILKELENLSPEEAAHQKAVVETLLQEDPWRVAKMVKSYLQQHNIPQREVVDTTGLNQSHLSQHLNKGTPMKTQKRAA
LYTWYVRKQREVAQQFTHAGQGGLIEEPTGDELPTKKGRRNRFKWGPASQQILFQAYERQKNPSKEERETLVEECNRAEC
IQRGVSPSQAQGLGSNLVTEVRVYNWFANRRKEEAFRH
;
A,B
#
loop_
_chem_comp.id
_chem_comp.type
_chem_comp.name
_chem_comp.formula
CL non-polymer 'CHLORIDE ION' 'Cl -1'
DA DNA linking 2'-DEOXYADENOSINE-5'-MONOPHOSPHATE 'C10 H14 N5 O6 P'
DC DNA linking 2'-DEOXYCYTIDINE-5'-MONOPHOSPHATE 'C9 H14 N3 O7 P'
DG DNA linking 2'-DEOXYGUANOSINE-5'-MONOPHOSPHATE 'C10 H14 N5 O7 P'
DT DNA linking THYMIDINE-5'-MONOPHOSPHATE 'C10 H15 N2 O8 P'
#
# COMPACT_ATOMS: atom_id res chain seq x y z
N GLU C 9 10.51 4.25 38.95
CA GLU C 9 9.82 3.98 37.69
C GLU C 9 8.68 4.95 37.47
N ASN C 10 7.78 5.02 38.45
CA ASN C 10 6.62 5.88 38.36
C ASN C 10 7.05 7.33 38.13
N LEU C 11 6.45 7.96 37.12
CA LEU C 11 6.74 9.35 36.83
C LEU C 11 6.50 10.20 38.07
N SER C 12 7.47 11.04 38.39
CA SER C 12 7.28 12.02 39.43
C SER C 12 6.15 12.98 39.02
N PRO C 13 5.30 13.40 39.96
CA PRO C 13 4.25 14.35 39.62
C PRO C 13 4.76 15.60 38.91
N GLU C 14 5.98 16.03 39.25
CA GLU C 14 6.59 17.17 38.58
C GLU C 14 6.98 16.84 37.14
N GLU C 15 7.50 15.63 36.92
CA GLU C 15 7.86 15.20 35.58
C GLU C 15 6.65 15.16 34.66
N ALA C 16 5.49 14.75 35.18
CA ALA C 16 4.29 14.66 34.36
C ALA C 16 3.84 16.03 33.90
N ALA C 17 4.00 17.05 34.76
CA ALA C 17 3.67 18.41 34.35
C ALA C 17 4.55 18.89 33.20
N HIS C 18 5.80 18.44 33.15
CA HIS C 18 6.69 18.80 32.03
C HIS C 18 6.15 18.25 30.72
N GLN C 19 5.67 17.00 30.73
CA GLN C 19 5.10 16.39 29.52
C GLN C 19 3.95 17.22 28.97
N LYS C 20 3.10 17.73 29.85
CA LYS C 20 1.95 18.54 29.43
C LYS C 20 2.42 19.81 28.73
N ALA C 21 3.42 20.49 29.31
CA ALA C 21 3.95 21.69 28.68
C ALA C 21 4.62 21.37 27.36
N VAL C 22 5.18 20.16 27.22
CA VAL C 22 5.76 19.74 25.95
C VAL C 22 4.67 19.60 24.90
N VAL C 23 3.53 18.99 25.28
CA VAL C 23 2.43 18.83 24.34
C VAL C 23 1.90 20.19 23.90
N GLU C 24 1.73 21.11 24.86
CA GLU C 24 1.21 22.44 24.52
C GLU C 24 2.21 23.22 23.66
N THR C 25 3.51 23.10 23.97
CA THR C 25 4.52 23.75 23.14
C THR C 25 4.56 23.15 21.74
N LEU C 26 4.43 21.83 21.64
CA LEU C 26 4.35 21.18 20.34
C LEU C 26 3.09 21.60 19.58
N LEU C 27 1.99 21.83 20.31
CA LEU C 27 0.78 22.32 19.67
C LEU C 27 0.92 23.76 19.22
N GLN C 28 1.78 24.54 19.89
CA GLN C 28 2.02 25.93 19.47
C GLN C 28 2.90 26.00 18.24
N GLU C 29 3.78 25.02 18.04
CA GLU C 29 4.64 24.99 16.87
C GLU C 29 3.85 24.55 15.65
N ASP C 30 4.48 24.67 14.49
CA ASP C 30 3.84 24.30 13.23
C ASP C 30 3.61 22.79 13.19
N PRO C 31 2.40 22.33 12.85
CA PRO C 31 2.14 20.88 12.89
C PRO C 31 3.01 20.07 11.94
N TRP C 32 3.41 20.64 10.81
CA TRP C 32 4.26 19.91 9.87
C TRP C 32 5.65 19.68 10.44
N ARG C 33 6.17 20.62 11.22
CA ARG C 33 7.48 20.44 11.85
C ARG C 33 7.43 19.33 12.89
N VAL C 34 6.41 19.34 13.74
CA VAL C 34 6.27 18.28 14.74
C VAL C 34 5.99 16.94 14.07
N ALA C 35 5.31 16.95 12.92
CA ALA C 35 5.06 15.70 12.20
C ALA C 35 6.36 15.09 11.70
N LYS C 36 7.28 15.92 11.21
CA LYS C 36 8.57 15.41 10.76
C LYS C 36 9.41 14.89 11.91
N MET C 37 9.28 15.49 13.09
CA MET C 37 10.04 15.01 14.25
C MET C 37 9.53 13.66 14.72
N VAL C 38 8.22 13.46 14.72
CA VAL C 38 7.67 12.18 15.13
C VAL C 38 7.94 11.11 14.07
N LYS C 39 7.78 11.46 12.80
CA LYS C 39 8.00 10.50 11.73
C LYS C 39 9.46 10.04 11.69
N SER C 40 10.40 10.97 11.82
CA SER C 40 11.81 10.60 11.85
C SER C 40 12.13 9.74 13.07
N TYR C 41 11.46 10.00 14.19
CA TYR C 41 11.66 9.16 15.38
C TYR C 41 11.15 7.75 15.15
N LEU C 42 9.99 7.61 14.51
CA LEU C 42 9.45 6.28 14.23
C LEU C 42 10.37 5.50 13.30
N GLN C 43 10.97 6.19 12.33
CA GLN C 43 11.88 5.53 11.40
C GLN C 43 13.20 5.17 12.06
N GLN C 44 13.58 5.89 13.12
CA GLN C 44 14.85 5.60 13.78
C GLN C 44 14.74 4.33 14.63
N HIS C 45 13.57 4.09 15.24
CA HIS C 45 13.36 2.93 16.09
C HIS C 45 12.53 1.85 15.45
N ASN C 46 12.10 2.03 14.20
CA ASN C 46 11.27 1.07 13.48
C ASN C 46 10.01 0.72 14.28
N ILE C 47 9.36 1.75 14.80
CA ILE C 47 8.11 1.55 15.55
C ILE C 47 6.96 1.43 14.55
N PRO C 48 6.16 0.37 14.62
CA PRO C 48 5.06 0.22 13.66
C PRO C 48 3.97 1.24 13.88
N GLN C 49 3.40 1.74 12.78
CA GLN C 49 2.28 2.67 12.86
C GLN C 49 1.06 2.01 13.48
N ARG C 50 0.96 0.68 13.41
CA ARG C 50 -0.16 -0.02 14.05
C ARG C 50 -0.14 0.17 15.56
N GLU C 51 1.06 0.20 16.16
CA GLU C 51 1.15 0.37 17.60
C GLU C 51 0.67 1.75 18.03
N VAL C 52 0.94 2.77 17.22
CA VAL C 52 0.44 4.11 17.55
C VAL C 52 -1.06 4.19 17.32
N VAL C 53 -1.58 3.46 16.33
CA VAL C 53 -3.02 3.47 16.09
C VAL C 53 -3.74 2.74 17.22
N ASP C 54 -3.14 1.69 17.77
CA ASP C 54 -3.78 0.93 18.83
C ASP C 54 -3.87 1.73 20.12
N THR C 55 -2.80 2.47 20.46
CA THR C 55 -2.77 3.20 21.71
C THR C 55 -3.62 4.48 21.64
N THR C 56 -3.27 5.38 20.70
CA THR C 56 -3.96 6.65 20.59
C THR C 56 -5.36 6.52 20.00
N GLY C 57 -5.70 5.37 19.44
CA GLY C 57 -7.05 5.15 18.94
C GLY C 57 -7.36 5.98 17.71
N LEU C 58 -6.30 6.55 17.13
CA LEU C 58 -6.45 7.38 15.95
C LEU C 58 -6.65 6.50 14.71
N ASN C 59 -7.08 7.13 13.63
CA ASN C 59 -7.25 6.44 12.37
C ASN C 59 -5.89 6.21 11.71
N GLN C 60 -5.71 5.03 11.11
CA GLN C 60 -4.44 4.72 10.49
C GLN C 60 -4.23 5.54 9.22
N SER C 61 -5.29 5.72 8.42
CA SER C 61 -5.16 6.53 7.21
C SER C 61 -4.95 8.00 7.54
N HIS C 62 -5.57 8.48 8.62
CA HIS C 62 -5.41 9.87 9.02
C HIS C 62 -4.00 10.14 9.53
N LEU C 63 -3.51 9.28 10.44
CA LEU C 63 -2.17 9.47 10.99
C LEU C 63 -1.11 9.29 9.92
N SER C 64 -1.31 8.33 9.02
CA SER C 64 -0.35 8.14 7.93
C SER C 64 -0.29 9.34 7.02
N GLN C 65 -1.44 9.95 6.73
CA GLN C 65 -1.47 11.11 5.84
C GLN C 65 -0.97 12.37 6.54
N HIS C 66 -1.16 12.48 7.86
CA HIS C 66 -0.69 13.64 8.60
C HIS C 66 0.81 13.60 8.84
N LEU C 67 1.41 12.41 8.84
CA LEU C 67 2.85 12.29 9.02
C LEU C 67 3.61 12.36 7.70
N ASN C 68 3.21 11.51 6.73
CA ASN C 68 3.94 11.47 5.46
C ASN C 68 3.65 12.70 4.62
N LYS C 69 2.37 13.08 4.50
CA LYS C 69 1.99 14.18 3.64
C LYS C 69 1.65 15.45 4.39
N GLY C 70 1.40 15.37 5.69
CA GLY C 70 1.09 16.54 6.48
C GLY C 70 -0.32 17.05 6.26
N THR C 71 -1.30 16.15 6.29
CA THR C 71 -2.69 16.56 6.13
C THR C 71 -3.18 17.28 7.38
N PRO C 72 -4.13 18.21 7.23
CA PRO C 72 -4.64 18.92 8.40
C PRO C 72 -5.29 17.98 9.41
N MET C 73 -4.84 18.08 10.66
CA MET C 73 -5.39 17.31 11.77
C MET C 73 -5.83 18.25 12.87
N LYS C 74 -6.90 17.87 13.58
CA LYS C 74 -7.44 18.70 14.64
C LYS C 74 -6.47 18.77 15.82
N THR C 75 -6.61 19.83 16.61
CA THR C 75 -5.72 20.04 17.76
C THR C 75 -5.87 18.93 18.79
N GLN C 76 -7.09 18.37 18.94
CA GLN C 76 -7.29 17.31 19.91
C GLN C 76 -6.57 16.04 19.50
N LYS C 77 -6.67 15.66 18.23
CA LYS C 77 -6.02 14.44 17.77
C LYS C 77 -4.50 14.59 17.74
N ARG C 78 -4.01 15.76 17.38
CA ARG C 78 -2.57 15.99 17.40
C ARG C 78 -2.03 15.92 18.83
N ALA C 79 -2.81 16.38 19.80
CA ALA C 79 -2.39 16.31 21.19
C ALA C 79 -2.34 14.87 21.69
N ALA C 80 -3.26 14.03 21.23
CA ALA C 80 -3.24 12.63 21.63
C ALA C 80 -2.02 11.91 21.06
N LEU C 81 -1.62 12.28 19.84
CA LEU C 81 -0.41 11.69 19.26
C LEU C 81 0.85 12.26 19.90
N TYR C 82 0.86 13.58 20.15
CA TYR C 82 2.00 14.19 20.82
C TYR C 82 2.18 13.63 22.22
N THR C 83 1.08 13.24 22.87
CA THR C 83 1.18 12.61 24.17
C THR C 83 1.86 11.25 24.09
N TRP C 84 1.65 10.52 22.98
CA TRP C 84 2.32 9.24 22.79
C TRP C 84 3.81 9.42 22.48
N TYR C 85 4.16 10.52 21.80
CA TYR C 85 5.56 10.76 21.45
C TYR C 85 6.43 10.84 22.70
N VAL C 86 5.98 11.62 23.69
CA VAL C 86 6.82 11.88 24.87
C VAL C 86 6.89 10.65 25.77
N ARG C 87 5.77 9.95 25.96
CA ARG C 87 5.79 8.76 26.81
C ARG C 87 6.61 7.64 26.19
N LYS C 88 6.65 7.55 24.85
CA LYS C 88 7.41 6.49 24.21
C LYS C 88 8.91 6.77 24.28
N GLN C 89 9.31 8.04 24.13
CA GLN C 89 10.73 8.39 24.27
C GLN C 89 11.28 7.93 25.61
N ARG C 90 10.63 8.33 26.69
CA ARG C 90 11.06 7.91 28.02
C ARG C 90 10.96 6.40 28.17
N GLU C 91 9.86 5.81 27.71
CA GLU C 91 9.70 4.36 27.79
C GLU C 91 10.82 3.64 27.07
N VAL C 92 11.32 4.22 25.97
CA VAL C 92 12.48 3.64 25.29
C VAL C 92 13.71 3.70 26.19
N ALA C 93 13.86 4.78 26.95
CA ALA C 93 15.00 4.88 27.87
C ALA C 93 14.99 3.74 28.87
N GLN C 94 13.90 3.60 29.63
CA GLN C 94 13.79 2.45 30.54
C GLN C 94 13.81 1.13 29.78
N GLN C 95 13.38 1.12 28.52
CA GLN C 95 13.47 -0.08 27.71
C GLN C 95 14.92 -0.47 27.47
N PHE C 96 15.83 0.50 27.51
CA PHE C 96 17.24 0.26 27.24
C PHE C 96 18.14 0.40 28.46
N THR C 97 17.76 1.21 29.45
CA THR C 97 18.54 1.25 30.70
C THR C 97 18.42 -0.06 31.46
N HIS C 98 17.27 -0.75 31.32
CA HIS C 98 17.13 -2.06 31.96
C HIS C 98 18.04 -3.10 31.32
N ALA C 99 18.43 -2.90 30.05
CA ALA C 99 19.30 -3.85 29.38
C ALA C 99 20.68 -3.89 29.99
N GLY C 100 21.15 -2.77 30.55
CA GLY C 100 22.46 -2.71 31.17
C GLY C 100 23.59 -2.68 30.17
N ASN C 121 4.59 -6.98 18.72
CA ASN C 121 4.96 -6.33 17.46
C ASN C 121 5.55 -7.34 16.46
N ARG C 122 6.03 -6.83 15.34
CA ARG C 122 6.64 -7.64 14.30
C ARG C 122 7.98 -7.03 13.92
N PHE C 123 8.89 -7.88 13.43
CA PHE C 123 10.22 -7.43 13.09
C PHE C 123 10.19 -6.56 11.83
N LYS C 124 11.05 -5.55 11.80
CA LYS C 124 11.17 -4.63 10.67
C LYS C 124 12.63 -4.34 10.43
N TRP C 125 13.09 -4.56 9.20
CA TRP C 125 14.49 -4.38 8.88
C TRP C 125 14.84 -2.90 8.82
N GLY C 126 16.04 -2.56 9.27
CA GLY C 126 16.51 -1.19 9.28
C GLY C 126 17.25 -0.84 8.01
N PRO C 127 17.45 0.46 7.77
CA PRO C 127 18.15 0.87 6.55
C PRO C 127 19.62 0.50 6.55
N ALA C 128 20.32 0.69 7.67
CA ALA C 128 21.73 0.34 7.73
C ALA C 128 21.93 -1.17 7.63
N SER C 129 21.06 -1.95 8.28
CA SER C 129 21.15 -3.40 8.19
C SER C 129 20.82 -3.89 6.78
N GLN C 130 19.96 -3.18 6.06
CA GLN C 130 19.65 -3.56 4.69
C GLN C 130 20.80 -3.23 3.74
N GLN C 131 21.55 -2.16 4.02
CA GLN C 131 22.70 -1.82 3.18
C GLN C 131 23.84 -2.81 3.39
N ILE C 132 24.06 -3.23 4.63
CA ILE C 132 25.11 -4.21 4.91
C ILE C 132 24.73 -5.56 4.31
N LEU C 133 23.44 -5.92 4.38
CA LEU C 133 23.00 -7.17 3.77
C LEU C 133 23.07 -7.11 2.25
N PHE C 134 22.96 -5.91 1.67
CA PHE C 134 23.18 -5.77 0.24
C PHE C 134 24.65 -5.95 -0.12
N GLN C 135 25.56 -5.63 0.80
CA GLN C 135 26.98 -5.87 0.57
C GLN C 135 27.28 -7.37 0.53
N ALA C 136 26.75 -8.11 1.51
CA ALA C 136 27.05 -9.54 1.60
C ALA C 136 26.43 -10.31 0.45
N TYR C 137 25.23 -9.91 0.01
CA TYR C 137 24.60 -10.59 -1.11
C TYR C 137 25.40 -10.41 -2.39
N GLU C 138 26.00 -9.23 -2.58
CA GLU C 138 26.87 -9.00 -3.73
C GLU C 138 28.17 -9.81 -3.65
N ARG C 139 28.58 -10.17 -2.44
CA ARG C 139 29.78 -10.99 -2.26
C ARG C 139 29.45 -12.48 -2.21
N GLN C 140 28.39 -12.85 -1.51
CA GLN C 140 28.00 -14.26 -1.40
C GLN C 140 26.49 -14.33 -1.24
N LYS C 141 25.80 -14.84 -2.27
CA LYS C 141 24.36 -15.01 -2.21
C LYS C 141 23.92 -16.16 -1.32
N ASN C 142 24.83 -17.05 -0.95
CA ASN C 142 24.53 -18.17 -0.06
C ASN C 142 25.57 -18.20 1.06
N PRO C 143 25.45 -17.31 2.03
CA PRO C 143 26.45 -17.25 3.11
C PRO C 143 26.34 -18.44 4.05
N SER C 144 27.46 -18.81 4.64
CA SER C 144 27.48 -19.85 5.65
C SER C 144 26.87 -19.33 6.95
N LYS C 145 26.64 -20.25 7.89
CA LYS C 145 26.08 -19.84 9.18
C LYS C 145 27.05 -18.93 9.94
N GLU C 146 28.35 -19.20 9.84
CA GLU C 146 29.33 -18.32 10.46
C GLU C 146 29.26 -16.91 9.88
N GLU C 147 29.02 -16.80 8.57
CA GLU C 147 28.83 -15.50 7.95
C GLU C 147 27.51 -14.87 8.35
N ARG C 148 26.55 -15.66 8.82
CA ARG C 148 25.26 -15.11 9.22
C ARG C 148 25.32 -14.44 10.59
N GLU C 149 25.97 -15.09 11.56
CA GLU C 149 26.09 -14.48 12.89
C GLU C 149 26.95 -13.23 12.86
N THR C 150 28.01 -13.23 12.05
CA THR C 150 28.84 -12.04 11.92
C THR C 150 28.05 -10.88 11.32
N LEU C 151 27.12 -11.16 10.41
CA LEU C 151 26.25 -10.12 9.88
C LEU C 151 25.20 -9.71 10.91
N VAL C 152 24.77 -10.64 11.76
CA VAL C 152 23.79 -10.31 12.79
C VAL C 152 24.39 -9.32 13.79
N GLU C 153 25.62 -9.55 14.22
CA GLU C 153 26.26 -8.63 15.15
C GLU C 153 26.53 -7.28 14.50
N GLU C 154 26.87 -7.26 13.21
CA GLU C 154 27.11 -6.00 12.54
C GLU C 154 25.83 -5.20 12.38
N CYS C 155 24.72 -5.88 12.03
CA CYS C 155 23.46 -5.18 11.87
C CYS C 155 22.92 -4.67 13.20
N ASN C 156 23.01 -5.49 14.25
CA ASN C 156 22.60 -5.03 15.58
C ASN C 156 23.46 -3.86 16.05
N ARG C 157 24.75 -3.86 15.69
CA ARG C 157 25.60 -2.72 16.02
C ARG C 157 25.15 -1.47 15.28
N ALA C 158 24.87 -1.61 13.97
CA ALA C 158 24.45 -0.45 13.18
C ALA C 158 23.08 0.05 13.61
N GLU C 159 22.18 -0.87 13.98
CA GLU C 159 20.85 -0.46 14.43
C GLU C 159 20.93 0.25 15.79
N CYS C 160 21.88 -0.14 16.64
CA CYS C 160 22.04 0.56 17.91
C CYS C 160 22.64 1.95 17.70
N ILE C 161 23.57 2.07 16.74
CA ILE C 161 24.15 3.37 16.44
C ILE C 161 23.12 4.31 15.82
N GLN C 162 22.14 3.75 15.10
CA GLN C 162 21.12 4.57 14.45
C GLN C 162 20.32 5.36 15.48
N ARG C 163 19.90 4.71 16.56
CA ARG C 163 19.15 5.37 17.62
C ARG C 163 20.07 5.96 18.69
N GLY C 164 21.38 5.92 18.49
CA GLY C 164 22.31 6.55 19.42
C GLY C 164 22.43 5.87 20.77
N VAL C 165 22.44 4.55 20.78
CA VAL C 165 22.61 3.79 22.01
C VAL C 165 23.86 2.93 21.89
N SER C 166 24.28 2.36 23.02
CA SER C 166 25.48 1.54 23.02
C SER C 166 25.20 0.21 22.34
N PRO C 167 26.19 -0.35 21.62
CA PRO C 167 25.98 -1.67 21.01
C PRO C 167 25.78 -2.79 22.01
N SER C 168 26.18 -2.60 23.27
CA SER C 168 26.02 -3.65 24.27
C SER C 168 24.55 -3.89 24.60
N GLN C 169 23.76 -2.82 24.64
CA GLN C 169 22.35 -2.92 25.00
C GLN C 169 21.54 -3.22 23.73
N ALA C 170 21.04 -4.45 23.64
CA ALA C 170 20.23 -4.87 22.50
C ALA C 170 18.88 -5.47 22.90
N GLN C 171 18.66 -5.76 24.18
CA GLN C 171 17.37 -6.29 24.61
C GLN C 171 16.25 -5.28 24.36
N GLY C 172 16.57 -3.99 24.46
CA GLY C 172 15.58 -2.96 24.19
C GLY C 172 15.08 -2.95 22.76
N LEU C 173 15.87 -3.47 21.81
CA LEU C 173 15.40 -3.58 20.44
C LEU C 173 14.16 -4.45 20.34
N GLY C 174 14.07 -5.48 21.19
CA GLY C 174 12.88 -6.31 21.28
C GLY C 174 12.45 -6.96 19.98
N SER C 175 11.34 -6.49 19.43
CA SER C 175 10.84 -7.06 18.18
C SER C 175 11.75 -6.73 17.00
N ASN C 176 12.46 -5.61 17.07
CA ASN C 176 13.36 -5.18 16.00
C ASN C 176 14.78 -5.68 16.20
N LEU C 177 14.97 -6.76 16.94
CA LEU C 177 16.30 -7.30 17.20
C LEU C 177 16.68 -8.30 16.11
N VAL C 178 17.90 -8.16 15.57
CA VAL C 178 18.33 -9.01 14.47
C VAL C 178 18.63 -10.42 14.98
N THR C 179 18.22 -11.42 14.21
CA THR C 179 18.41 -12.82 14.55
C THR C 179 18.88 -13.57 13.31
N GLU C 180 19.77 -14.54 13.50
CA GLU C 180 20.26 -15.33 12.38
C GLU C 180 19.12 -15.93 11.56
N VAL C 181 18.03 -16.31 12.24
CA VAL C 181 16.86 -16.82 11.52
C VAL C 181 16.29 -15.74 10.60
N ARG C 182 16.30 -14.48 11.05
CA ARG C 182 15.81 -13.40 10.22
C ARG C 182 16.79 -13.06 9.09
N VAL C 183 18.09 -13.26 9.32
CA VAL C 183 19.08 -13.01 8.27
C VAL C 183 18.98 -14.08 7.20
N TYR C 184 18.86 -15.35 7.60
CA TYR C 184 18.71 -16.42 6.62
C TYR C 184 17.40 -16.28 5.84
N ASN C 185 16.32 -15.87 6.51
CA ASN C 185 15.07 -15.63 5.81
C ASN C 185 15.18 -14.44 4.86
N TRP C 186 16.05 -13.47 5.18
CA TRP C 186 16.25 -12.34 4.29
C TRP C 186 16.96 -12.78 3.01
N PHE C 187 17.96 -13.66 3.13
CA PHE C 187 18.67 -14.13 1.96
C PHE C 187 17.82 -15.07 1.12
N ALA C 188 16.97 -15.86 1.77
CA ALA C 188 16.08 -16.76 1.02
C ALA C 188 15.04 -15.98 0.23
N ASN C 189 14.52 -14.90 0.82
CA ASN C 189 13.56 -14.05 0.10
C ASN C 189 14.24 -13.30 -1.03
N ARG C 190 15.48 -12.86 -0.82
CA ARG C 190 16.22 -12.20 -1.90
C ARG C 190 16.56 -13.17 -3.02
N ARG C 191 16.68 -14.46 -2.70
CA ARG C 191 16.87 -15.46 -3.75
C ARG C 191 15.62 -15.61 -4.60
N LYS C 192 14.45 -15.54 -3.98
CA LYS C 192 13.20 -15.58 -4.75
C LYS C 192 13.05 -14.33 -5.61
N GLU C 193 13.45 -13.17 -5.09
CA GLU C 193 13.39 -11.94 -5.87
C GLU C 193 14.39 -11.97 -7.02
N GLU C 194 15.55 -12.59 -6.82
CA GLU C 194 16.54 -12.68 -7.88
C GLU C 194 16.10 -13.62 -8.99
N ALA C 195 15.24 -14.60 -8.67
CA ALA C 195 14.77 -15.53 -9.68
C ALA C 195 13.89 -14.84 -10.72
N PHE C 196 13.24 -13.75 -10.34
CA PHE C 196 12.37 -13.02 -11.26
C PHE C 196 13.06 -11.75 -11.77
N GLU D 9 -30.45 -16.20 -24.46
CA GLU D 9 -29.26 -15.54 -24.98
C GLU D 9 -28.18 -15.45 -23.91
N ASN D 10 -28.54 -15.84 -22.68
CA ASN D 10 -27.59 -15.76 -21.57
C ASN D 10 -26.40 -16.68 -21.78
N LEU D 11 -26.65 -17.88 -22.28
CA LEU D 11 -25.58 -18.85 -22.49
C LEU D 11 -25.95 -19.75 -23.66
N SER D 12 -24.93 -20.39 -24.23
CA SER D 12 -25.10 -21.37 -25.30
C SER D 12 -24.34 -22.64 -24.95
N PRO D 13 -24.87 -23.80 -25.35
CA PRO D 13 -24.17 -25.06 -25.01
C PRO D 13 -22.77 -25.16 -25.56
N GLU D 14 -22.55 -24.68 -26.80
CA GLU D 14 -21.23 -24.79 -27.40
C GLU D 14 -20.25 -23.79 -26.81
N GLU D 15 -20.69 -22.54 -26.58
CA GLU D 15 -19.79 -21.54 -26.02
C GLU D 15 -19.39 -21.90 -24.59
N ALA D 16 -20.26 -22.62 -23.87
CA ALA D 16 -19.88 -23.10 -22.55
C ALA D 16 -18.74 -24.10 -22.64
N ALA D 17 -18.77 -24.98 -23.66
CA ALA D 17 -17.63 -25.86 -23.91
C ALA D 17 -16.43 -25.08 -24.43
N HIS D 18 -16.67 -23.99 -25.16
CA HIS D 18 -15.58 -23.12 -25.59
C HIS D 18 -14.91 -22.45 -24.39
N GLN D 19 -15.70 -22.03 -23.41
CA GLN D 19 -15.13 -21.49 -22.18
C GLN D 19 -14.26 -22.52 -21.48
N LYS D 20 -14.75 -23.76 -21.38
CA LYS D 20 -13.94 -24.83 -20.81
C LYS D 20 -12.74 -25.15 -21.70
N ALA D 21 -12.87 -24.94 -23.00
CA ALA D 21 -11.74 -25.10 -23.90
C ALA D 21 -10.73 -23.97 -23.78
N VAL D 22 -11.20 -22.75 -23.51
CA VAL D 22 -10.29 -21.62 -23.36
C VAL D 22 -9.45 -21.79 -22.11
N VAL D 23 -10.10 -22.11 -20.98
CA VAL D 23 -9.36 -22.33 -19.74
C VAL D 23 -8.45 -23.54 -19.84
N GLU D 24 -8.75 -24.47 -20.76
CA GLU D 24 -7.87 -25.62 -20.97
C GLU D 24 -6.60 -25.20 -21.70
N THR D 25 -6.74 -24.40 -22.76
CA THR D 25 -5.57 -23.92 -23.48
C THR D 25 -4.80 -22.88 -22.67
N LEU D 26 -5.49 -22.16 -21.79
CA LEU D 26 -4.80 -21.17 -20.96
C LEU D 26 -3.93 -21.84 -19.90
N LEU D 27 -4.41 -22.95 -19.32
CA LEU D 27 -3.58 -23.71 -18.40
C LEU D 27 -2.39 -24.34 -19.10
N GLN D 28 -2.53 -24.65 -20.39
CA GLN D 28 -1.42 -25.22 -21.16
C GLN D 28 -0.38 -24.16 -21.51
N GLU D 29 -0.73 -22.88 -21.44
CA GLU D 29 0.18 -21.81 -21.83
C GLU D 29 1.11 -21.47 -20.67
N ASP D 30 2.04 -20.56 -20.94
CA ASP D 30 2.92 -20.05 -19.90
C ASP D 30 2.11 -19.23 -18.92
N PRO D 31 2.08 -19.58 -17.63
CA PRO D 31 1.25 -18.81 -16.68
C PRO D 31 1.62 -17.35 -16.59
N TRP D 32 2.85 -16.96 -16.94
CA TRP D 32 3.21 -15.56 -16.94
C TRP D 32 2.59 -14.81 -18.11
N ARG D 33 2.59 -15.43 -19.30
CA ARG D 33 1.99 -14.79 -20.47
C ARG D 33 0.50 -14.56 -20.24
N VAL D 34 -0.17 -15.48 -19.55
CA VAL D 34 -1.58 -15.28 -19.24
C VAL D 34 -1.74 -14.23 -18.16
N ALA D 35 -0.80 -14.18 -17.21
CA ALA D 35 -0.87 -13.17 -16.14
C ALA D 35 -0.80 -11.77 -16.72
N LYS D 36 0.14 -11.53 -17.63
CA LYS D 36 0.19 -10.24 -18.32
C LYS D 36 -1.07 -10.00 -19.13
N MET D 37 -1.62 -11.06 -19.73
CA MET D 37 -2.84 -10.92 -20.52
C MET D 37 -4.05 -10.62 -19.63
N VAL D 38 -4.05 -11.15 -18.40
CA VAL D 38 -5.16 -10.88 -17.49
C VAL D 38 -4.99 -9.53 -16.82
N LYS D 39 -3.77 -9.19 -16.39
CA LYS D 39 -3.54 -7.91 -15.74
C LYS D 39 -3.88 -6.75 -16.65
N SER D 40 -3.62 -6.90 -17.96
CA SER D 40 -3.99 -5.85 -18.90
C SER D 40 -5.50 -5.70 -19.03
N TYR D 41 -6.25 -6.79 -18.82
CA TYR D 41 -7.70 -6.72 -18.88
C TYR D 41 -8.27 -6.03 -17.65
N LEU D 42 -7.74 -6.36 -16.46
CA LEU D 42 -8.19 -5.69 -15.25
C LEU D 42 -7.90 -4.20 -15.29
N GLN D 43 -6.80 -3.80 -15.92
CA GLN D 43 -6.45 -2.39 -16.01
C GLN D 43 -7.30 -1.65 -17.02
N GLN D 44 -7.66 -2.31 -18.13
CA GLN D 44 -8.44 -1.64 -19.17
C GLN D 44 -9.85 -1.33 -18.68
N HIS D 45 -10.43 -2.21 -17.87
CA HIS D 45 -11.78 -2.02 -17.36
C HIS D 45 -11.81 -1.55 -15.92
N ASN D 46 -10.64 -1.39 -15.29
CA ASN D 46 -10.54 -0.90 -13.91
C ASN D 46 -11.35 -1.75 -12.94
N ILE D 47 -11.49 -3.03 -13.25
CA ILE D 47 -12.17 -3.95 -12.32
C ILE D 47 -11.28 -4.19 -11.12
N PRO D 48 -11.77 -3.97 -9.89
CA PRO D 48 -10.90 -4.15 -8.72
C PRO D 48 -10.58 -5.61 -8.46
N GLN D 49 -9.38 -5.83 -7.92
CA GLN D 49 -8.99 -7.18 -7.52
C GLN D 49 -9.85 -7.71 -6.39
N ARG D 50 -10.53 -6.84 -5.65
CA ARG D 50 -11.42 -7.29 -4.57
C ARG D 50 -12.55 -8.14 -5.13
N GLU D 51 -13.06 -7.77 -6.32
CA GLU D 51 -14.11 -8.57 -6.95
C GLU D 51 -13.59 -9.96 -7.30
N VAL D 52 -12.33 -10.05 -7.74
CA VAL D 52 -11.75 -11.36 -8.06
C VAL D 52 -11.57 -12.17 -6.78
N VAL D 53 -11.06 -11.55 -5.72
CA VAL D 53 -10.82 -12.27 -4.48
C VAL D 53 -12.14 -12.70 -3.84
N ASP D 54 -13.16 -11.84 -3.91
CA ASP D 54 -14.44 -12.17 -3.29
C ASP D 54 -15.18 -13.25 -4.08
N THR D 55 -15.03 -13.27 -5.40
CA THR D 55 -15.77 -14.22 -6.23
C THR D 55 -15.09 -15.59 -6.22
N THR D 56 -13.84 -15.66 -6.66
CA THR D 56 -13.14 -16.94 -6.74
C THR D 56 -12.77 -17.46 -5.36
N GLY D 57 -12.53 -16.57 -4.40
CA GLY D 57 -12.11 -16.98 -3.08
C GLY D 57 -10.63 -17.12 -2.89
N LEU D 58 -9.82 -16.55 -3.78
CA LEU D 58 -8.38 -16.65 -3.69
C LEU D 58 -7.85 -15.72 -2.60
N ASN D 59 -6.54 -15.76 -2.38
CA ASN D 59 -5.88 -14.90 -1.43
C ASN D 59 -5.50 -13.58 -2.12
N GLN D 60 -5.81 -12.46 -1.47
CA GLN D 60 -5.52 -11.16 -2.06
C GLN D 60 -4.02 -10.96 -2.26
N SER D 61 -3.23 -11.21 -1.21
CA SER D 61 -1.79 -11.02 -1.32
C SER D 61 -1.18 -12.00 -2.33
N HIS D 62 -1.69 -13.24 -2.37
CA HIS D 62 -1.16 -14.22 -3.31
C HIS D 62 -1.52 -13.84 -4.74
N LEU D 63 -2.78 -13.48 -4.99
CA LEU D 63 -3.20 -13.13 -6.34
C LEU D 63 -2.50 -11.88 -6.83
N SER D 64 -2.26 -10.91 -5.94
CA SER D 64 -1.58 -9.69 -6.34
C SER D 64 -0.12 -9.97 -6.71
N GLN D 65 0.55 -10.82 -5.93
CA GLN D 65 1.94 -11.15 -6.23
C GLN D 65 2.08 -11.97 -7.51
N HIS D 66 1.03 -12.69 -7.89
CA HIS D 66 1.09 -13.51 -9.10
C HIS D 66 0.89 -12.68 -10.36
N LEU D 67 0.02 -11.67 -10.30
CA LEU D 67 -0.26 -10.86 -11.48
C LEU D 67 0.85 -9.85 -11.74
N ASN D 68 1.27 -9.13 -10.71
CA ASN D 68 2.23 -8.06 -10.90
C ASN D 68 3.67 -8.55 -10.99
N LYS D 69 3.99 -9.67 -10.34
CA LYS D 69 5.36 -10.16 -10.28
C LYS D 69 5.56 -11.50 -10.97
N GLY D 70 4.52 -12.33 -11.06
CA GLY D 70 4.65 -13.64 -11.65
C GLY D 70 4.85 -14.77 -10.66
N THR D 71 4.58 -14.55 -9.38
CA THR D 71 4.75 -15.55 -8.35
C THR D 71 4.03 -16.85 -8.75
N PRO D 72 4.73 -17.98 -8.79
CA PRO D 72 4.11 -19.21 -9.31
C PRO D 72 2.94 -19.66 -8.44
N MET D 73 1.85 -20.01 -9.09
CA MET D 73 0.66 -20.52 -8.44
C MET D 73 0.31 -21.88 -9.00
N LYS D 74 -0.22 -22.75 -8.13
CA LYS D 74 -0.60 -24.09 -8.56
C LYS D 74 -1.75 -24.03 -9.57
N THR D 75 -1.83 -25.05 -10.42
CA THR D 75 -2.78 -25.06 -11.51
C THR D 75 -4.23 -25.13 -11.03
N GLN D 76 -4.47 -25.68 -9.84
CA GLN D 76 -5.83 -25.81 -9.34
C GLN D 76 -6.42 -24.44 -9.03
N LYS D 77 -5.66 -23.58 -8.33
CA LYS D 77 -6.14 -22.24 -8.04
C LYS D 77 -6.09 -21.35 -9.26
N ARG D 78 -5.11 -21.56 -10.15
CA ARG D 78 -5.06 -20.79 -11.39
C ARG D 78 -6.26 -21.07 -12.28
N ALA D 79 -6.81 -22.30 -12.20
CA ALA D 79 -7.99 -22.63 -12.99
C ALA D 79 -9.19 -21.79 -12.57
N ALA D 80 -9.38 -21.60 -11.26
CA ALA D 80 -10.45 -20.73 -10.80
C ALA D 80 -10.22 -19.28 -11.23
N LEU D 81 -8.96 -18.88 -11.37
CA LEU D 81 -8.66 -17.54 -11.85
C LEU D 81 -9.03 -17.39 -13.32
N TYR D 82 -8.63 -18.36 -14.15
CA TYR D 82 -8.99 -18.31 -15.56
C TYR D 82 -10.48 -18.50 -15.77
N THR D 83 -11.13 -19.26 -14.89
CA THR D 83 -12.58 -19.43 -15.00
C THR D 83 -13.32 -18.12 -14.82
N TRP D 84 -12.91 -17.33 -13.82
CA TRP D 84 -13.49 -16.01 -13.64
C TRP D 84 -13.12 -15.09 -14.80
N TYR D 85 -11.92 -15.25 -15.36
CA TYR D 85 -11.48 -14.39 -16.46
C TYR D 85 -12.38 -14.55 -17.67
N VAL D 86 -12.67 -15.79 -18.05
CA VAL D 86 -13.49 -16.03 -19.24
C VAL D 86 -14.93 -15.62 -18.98
N ARG D 87 -15.44 -15.87 -17.77
CA ARG D 87 -16.81 -15.50 -17.46
C ARG D 87 -16.98 -13.98 -17.37
N LYS D 88 -16.01 -13.31 -16.73
CA LYS D 88 -16.06 -11.85 -16.65
C LYS D 88 -16.00 -11.20 -18.03
N GLN D 89 -15.28 -11.83 -18.97
CA GLN D 89 -15.19 -11.28 -20.31
C GLN D 89 -16.55 -11.26 -21.00
N ARG D 90 -17.37 -12.29 -20.74
CA ARG D 90 -18.71 -12.32 -21.33
C ARG D 90 -19.65 -11.34 -20.63
N GLU D 91 -19.57 -11.28 -19.29
CA GLU D 91 -20.43 -10.36 -18.54
C GLU D 91 -20.18 -8.92 -18.95
N VAL D 92 -18.92 -8.56 -19.21
CA VAL D 92 -18.60 -7.19 -19.60
C VAL D 92 -19.20 -6.88 -20.97
N ALA D 93 -19.01 -7.79 -21.94
CA ALA D 93 -19.53 -7.56 -23.28
C ALA D 93 -21.04 -7.43 -23.28
N GLN D 94 -21.73 -8.31 -22.54
CA GLN D 94 -23.19 -8.25 -22.51
C GLN D 94 -23.68 -6.99 -21.83
N GLN D 95 -23.12 -6.65 -20.66
CA GLN D 95 -23.59 -5.47 -19.93
C GLN D 95 -23.37 -4.19 -20.71
N PHE D 96 -22.40 -4.17 -21.63
CA PHE D 96 -22.19 -2.99 -22.46
C PHE D 96 -23.15 -2.97 -23.64
N THR D 97 -23.38 -4.14 -24.27
CA THR D 97 -24.34 -4.20 -25.36
C THR D 97 -25.77 -3.98 -24.86
N HIS D 98 -26.10 -4.49 -23.68
CA HIS D 98 -27.40 -4.26 -23.05
C HIS D 98 -27.53 -2.87 -22.43
N ALA D 99 -27.00 -1.85 -23.09
CA ALA D 99 -27.03 -0.47 -22.58
C ALA D 99 -26.70 0.51 -23.70
N ARG D 120 -21.85 -2.52 -6.63
CA ARG D 120 -21.18 -2.91 -5.40
C ARG D 120 -19.71 -2.47 -5.38
N ASN D 121 -19.08 -2.52 -6.55
CA ASN D 121 -17.68 -2.12 -6.66
C ASN D 121 -17.54 -0.61 -6.48
N ARG D 122 -16.34 -0.20 -6.09
CA ARG D 122 -16.04 1.20 -5.88
C ARG D 122 -15.60 1.85 -7.20
N PHE D 123 -15.90 3.13 -7.33
CA PHE D 123 -15.46 3.87 -8.51
C PHE D 123 -13.94 3.91 -8.57
N LYS D 124 -13.41 3.88 -9.79
CA LYS D 124 -11.97 3.98 -10.04
C LYS D 124 -11.74 4.95 -11.18
N TRP D 125 -10.76 5.85 -11.00
CA TRP D 125 -10.43 6.82 -12.02
C TRP D 125 -9.50 6.17 -13.05
N GLY D 126 -9.98 6.08 -14.29
CA GLY D 126 -9.18 5.53 -15.37
C GLY D 126 -8.02 6.44 -15.72
N PRO D 127 -6.97 5.88 -16.32
CA PRO D 127 -5.83 6.71 -16.70
C PRO D 127 -6.14 7.65 -17.86
N ALA D 128 -7.08 7.29 -18.74
CA ALA D 128 -7.42 8.15 -19.87
C ALA D 128 -8.13 9.41 -19.40
N SER D 129 -9.04 9.28 -18.42
CA SER D 129 -9.74 10.45 -17.91
C SER D 129 -8.82 11.33 -17.06
N GLN D 130 -7.86 10.72 -16.37
CA GLN D 130 -6.97 11.50 -15.50
C GLN D 130 -6.17 12.52 -16.30
N GLN D 131 -5.81 12.20 -17.55
CA GLN D 131 -5.11 13.18 -18.38
C GLN D 131 -5.99 14.37 -18.69
N ILE D 132 -7.27 14.14 -18.97
CA ILE D 132 -8.17 15.24 -19.27
C ILE D 132 -8.42 16.10 -18.03
N LEU D 133 -8.49 15.46 -16.86
CA LEU D 133 -8.71 16.22 -15.63
C LEU D 133 -7.50 17.07 -15.28
N PHE D 134 -6.29 16.58 -15.56
CA PHE D 134 -5.10 17.38 -15.29
C PHE D 134 -4.98 18.54 -16.26
N GLN D 135 -5.49 18.40 -17.48
CA GLN D 135 -5.52 19.52 -18.41
C GLN D 135 -6.45 20.63 -17.91
N ALA D 136 -7.66 20.26 -17.47
CA ALA D 136 -8.60 21.24 -16.97
C ALA D 136 -8.09 21.88 -15.69
N TYR D 137 -7.42 21.11 -14.83
CA TYR D 137 -6.88 21.65 -13.60
C TYR D 137 -5.76 22.64 -13.88
N GLU D 138 -4.95 22.37 -14.89
CA GLU D 138 -3.90 23.32 -15.28
C GLU D 138 -4.49 24.60 -15.86
N ARG D 139 -5.69 24.53 -16.43
CA ARG D 139 -6.34 25.71 -16.98
C ARG D 139 -7.04 26.51 -15.89
N GLN D 140 -7.82 25.85 -15.04
CA GLN D 140 -8.59 26.52 -14.01
C GLN D 140 -9.01 25.48 -12.97
N LYS D 141 -8.82 25.81 -11.69
CA LYS D 141 -8.95 24.84 -10.61
C LYS D 141 -10.32 24.87 -9.93
N ASN D 142 -11.30 25.56 -10.50
CA ASN D 142 -12.65 25.63 -9.91
C ASN D 142 -13.68 25.75 -11.02
N PRO D 143 -13.95 24.65 -11.73
CA PRO D 143 -14.90 24.70 -12.84
C PRO D 143 -16.35 24.79 -12.36
N SER D 144 -17.17 25.39 -13.21
CA SER D 144 -18.60 25.48 -12.94
C SER D 144 -19.28 24.14 -13.16
N LYS D 145 -20.52 24.03 -12.67
CA LYS D 145 -21.27 22.78 -12.82
C LYS D 145 -21.45 22.42 -14.29
N GLU D 146 -21.63 23.43 -15.15
CA GLU D 146 -21.70 23.16 -16.59
C GLU D 146 -20.35 22.68 -17.12
N GLU D 147 -19.25 23.24 -16.60
CA GLU D 147 -17.93 22.78 -17.01
C GLU D 147 -17.61 21.40 -16.45
N ARG D 148 -18.14 21.08 -15.27
CA ARG D 148 -17.96 19.75 -14.71
C ARG D 148 -18.66 18.71 -15.55
N GLU D 149 -19.94 18.94 -15.85
CA GLU D 149 -20.70 17.99 -16.67
C GLU D 149 -20.15 17.90 -18.09
N THR D 150 -19.55 18.99 -18.60
CA THR D 150 -18.90 18.92 -19.89
C THR D 150 -17.70 17.98 -19.86
N LEU D 151 -16.92 18.03 -18.77
CA LEU D 151 -15.80 17.11 -18.62
C LEU D 151 -16.27 15.69 -18.34
N VAL D 152 -17.49 15.52 -17.83
CA VAL D 152 -18.04 14.18 -17.62
C VAL D 152 -18.23 13.47 -18.95
N GLU D 153 -18.85 14.17 -19.92
CA GLU D 153 -19.02 13.58 -21.25
C GLU D 153 -17.69 13.34 -21.93
N GLU D 154 -16.68 14.17 -21.63
CA GLU D 154 -15.36 13.97 -22.22
C GLU D 154 -14.65 12.76 -21.62
N CYS D 155 -14.73 12.61 -20.29
CA CYS D 155 -14.04 11.50 -19.63
C CYS D 155 -14.77 10.18 -19.86
N ASN D 156 -16.11 10.19 -19.84
CA ASN D 156 -16.87 8.98 -20.12
C ASN D 156 -16.59 8.47 -21.54
N ARG D 157 -16.67 9.37 -22.52
CA ARG D 157 -16.32 8.99 -23.89
C ARG D 157 -14.87 8.54 -24.00
N ALA D 158 -14.00 9.08 -23.15
CA ALA D 158 -12.61 8.66 -23.15
C ALA D 158 -12.46 7.26 -22.57
N GLU D 159 -13.20 6.97 -21.49
CA GLU D 159 -13.12 5.65 -20.88
C GLU D 159 -13.69 4.57 -21.80
N CYS D 160 -14.67 4.93 -22.63
CA CYS D 160 -15.21 3.98 -23.59
C CYS D 160 -14.19 3.64 -24.68
N ILE D 161 -13.52 4.68 -25.20
CA ILE D 161 -12.51 4.46 -26.24
C ILE D 161 -11.38 3.59 -25.70
N GLN D 162 -11.03 3.76 -24.43
CA GLN D 162 -9.99 2.93 -23.83
C GLN D 162 -10.42 1.47 -23.76
N ARG D 163 -11.66 1.21 -23.34
CA ARG D 163 -12.16 -0.16 -23.27
C ARG D 163 -12.49 -0.73 -24.64
N GLY D 164 -12.32 0.03 -25.72
CA GLY D 164 -12.63 -0.48 -27.04
C GLY D 164 -14.09 -0.59 -27.37
N VAL D 165 -14.95 0.15 -26.68
CA VAL D 165 -16.38 0.12 -26.90
C VAL D 165 -16.84 1.47 -27.45
N SER D 166 -18.09 1.50 -27.93
CA SER D 166 -18.67 2.71 -28.47
C SER D 166 -19.08 3.66 -27.35
N PRO D 167 -19.12 4.97 -27.62
CA PRO D 167 -19.39 5.92 -26.53
C PRO D 167 -20.78 5.79 -25.92
N SER D 168 -21.82 5.56 -26.74
CA SER D 168 -23.18 5.47 -26.22
C SER D 168 -23.33 4.35 -25.20
N GLN D 169 -22.48 3.33 -25.28
CA GLN D 169 -22.44 2.23 -24.32
C GLN D 169 -21.82 2.62 -22.99
N ALA D 170 -21.56 3.91 -22.77
CA ALA D 170 -20.97 4.37 -21.52
C ALA D 170 -21.82 4.02 -20.30
N GLN D 171 -23.12 3.79 -20.50
CA GLN D 171 -23.96 3.35 -19.39
C GLN D 171 -23.55 1.98 -18.90
N GLY D 172 -22.82 1.21 -19.71
CA GLY D 172 -22.24 -0.05 -19.29
C GLY D 172 -20.93 0.07 -18.55
N LEU D 173 -20.36 1.28 -18.46
CA LEU D 173 -19.16 1.47 -17.66
C LEU D 173 -19.37 1.09 -16.20
N GLY D 174 -20.62 1.12 -15.73
CA GLY D 174 -20.93 0.59 -14.41
C GLY D 174 -20.41 1.47 -13.29
N SER D 175 -19.78 0.83 -12.31
CA SER D 175 -19.23 1.56 -11.18
C SER D 175 -18.20 2.60 -11.62
N ASN D 176 -17.55 2.38 -12.76
CA ASN D 176 -16.55 3.29 -13.29
C ASN D 176 -17.16 4.37 -14.18
N LEU D 177 -18.45 4.66 -14.02
CA LEU D 177 -19.10 5.71 -14.79
C LEU D 177 -18.74 7.07 -14.20
N VAL D 178 -18.16 7.95 -15.02
CA VAL D 178 -17.82 9.29 -14.58
C VAL D 178 -19.10 10.09 -14.37
N THR D 179 -19.23 10.69 -13.20
CA THR D 179 -20.37 11.54 -12.86
C THR D 179 -19.88 12.93 -12.52
N GLU D 180 -20.83 13.88 -12.46
CA GLU D 180 -20.46 15.25 -12.12
C GLU D 180 -19.98 15.34 -10.66
N VAL D 181 -20.60 14.57 -9.77
CA VAL D 181 -20.18 14.56 -8.37
C VAL D 181 -18.75 14.05 -8.25
N ARG D 182 -18.40 13.02 -9.05
CA ARG D 182 -17.07 12.45 -8.99
C ARG D 182 -16.02 13.41 -9.56
N VAL D 183 -16.38 14.15 -10.61
CA VAL D 183 -15.48 15.17 -11.12
C VAL D 183 -15.29 16.29 -10.10
N TYR D 184 -16.34 16.64 -9.37
CA TYR D 184 -16.21 17.64 -8.33
C TYR D 184 -15.38 17.12 -7.16
N ASN D 185 -15.51 15.82 -6.84
CA ASN D 185 -14.69 15.24 -5.79
C ASN D 185 -13.22 15.18 -6.20
N TRP D 186 -12.94 15.03 -7.49
CA TRP D 186 -11.56 14.99 -7.96
C TRP D 186 -10.91 16.36 -7.86
N PHE D 187 -11.60 17.40 -8.34
CA PHE D 187 -11.04 18.74 -8.30
C PHE D 187 -10.89 19.26 -6.88
N ALA D 188 -11.80 18.86 -5.98
CA ALA D 188 -11.69 19.29 -4.59
C ALA D 188 -10.49 18.67 -3.89
N ASN D 189 -10.22 17.39 -4.16
CA ASN D 189 -9.07 16.74 -3.57
C ASN D 189 -7.76 17.24 -4.17
N ARG D 190 -7.78 17.64 -5.45
CA ARG D 190 -6.56 18.13 -6.08
C ARG D 190 -6.21 19.53 -5.58
N ARG D 191 -7.21 20.36 -5.28
CA ARG D 191 -6.93 21.64 -4.65
C ARG D 191 -6.31 21.44 -3.28
N LYS D 192 -6.77 20.44 -2.54
CA LYS D 192 -6.19 20.12 -1.24
C LYS D 192 -4.77 19.61 -1.35
N GLU D 193 -4.36 19.11 -2.52
CA GLU D 193 -3.02 18.57 -2.68
C GLU D 193 -1.97 19.68 -2.63
N GLU D 194 -2.29 20.85 -3.17
CA GLU D 194 -1.43 22.01 -3.02
C GLU D 194 -1.43 22.46 -1.56
N ALA D 195 -0.28 22.35 -0.90
CA ALA D 195 -0.16 22.72 0.51
C ALA D 195 1.24 23.22 0.81
CL CL E . 13.02 -0.07 19.48
CL CL F . -16.27 -1.88 -16.73
#